data_7NWP
#
_entry.id   7NWP
#
_cell.length_a   173.320
_cell.length_b   173.320
_cell.length_c   173.320
_cell.angle_alpha   90.000
_cell.angle_beta   90.000
_cell.angle_gamma   90.000
#
_symmetry.space_group_name_H-M   'I 4 3 2'
#
loop_
_entity.id
_entity.type
_entity.pdbx_description
1 polymer Beta-xylanase
2 branched beta-D-glucopyranose-(1-4)-beta-D-glucopyranose
3 non-polymer 'CALCIUM ION'
4 non-polymer DI(HYDROXYETHYL)ETHER
5 non-polymer 1,2-ETHANEDIOL
6 water water
#
_entity_poly.entity_id   1
_entity_poly.type   'polypeptide(L)'
_entity_poly.pdbx_seq_one_letter_code
;MGSSHHHHHHSSENLYFQGHKRIYVSYGSPVIDGEVDDIWNNVEWNIPRIYSATTQTNAKFKLMWDDNALYVLAEVYDPV
LNSANSTPYQQDSVEIFLDENFDRAISYQSDDLHYRVNYNNFKTTDAGDILRFYTKTKLLPDGYRVEARIALSKKPINGT
IMGFEFQVNEADSSARRVATINMFDNTGNAWQNPSLFGEIKLKGRSDNAVVPINP
;
_entity_poly.pdbx_strand_id   AAA
#
loop_
_chem_comp.id
_chem_comp.type
_chem_comp.name
_chem_comp.formula
BGC D-saccharide, beta linking beta-D-glucopyranose 'C6 H12 O6'
CA non-polymer 'CALCIUM ION' 'Ca 2'
EDO non-polymer 1,2-ETHANEDIOL 'C2 H6 O2'
PEG non-polymer DI(HYDROXYETHYL)ETHER 'C4 H10 O3'
#
# COMPACT_ATOMS: atom_id res chain seq x y z
N LYS A 21 10.38 -1.80 11.66
CA LYS A 21 9.38 -1.81 12.78
C LYS A 21 7.99 -2.32 12.29
N ARG A 22 6.93 -1.93 13.04
CA ARG A 22 5.65 -2.62 13.02
C ARG A 22 4.47 -1.64 13.04
N ILE A 23 3.52 -1.85 12.13
CA ILE A 23 2.26 -1.11 12.09
C ILE A 23 1.13 -2.03 12.56
N TYR A 24 0.34 -1.57 13.54
CA TYR A 24 -0.84 -2.31 13.98
C TYR A 24 -2.02 -1.91 13.10
N VAL A 25 -2.65 -2.90 12.47
CA VAL A 25 -3.73 -2.68 11.53
C VAL A 25 -5.10 -3.07 12.10
N SER A 26 -5.99 -2.07 12.19
CA SER A 26 -7.37 -2.28 12.64
C SER A 26 -8.25 -2.96 11.57
N TYR A 27 -9.27 -3.67 12.06
CA TYR A 27 -10.25 -4.40 11.27
C TYR A 27 -11.35 -3.47 10.75
N GLY A 28 -11.73 -3.65 9.48
CA GLY A 28 -12.74 -2.80 8.85
C GLY A 28 -12.78 -3.03 7.34
N SER A 29 -13.90 -2.65 6.71
N SER A 29 -13.88 -2.63 6.69
CA SER A 29 -14.26 -2.99 5.34
CA SER A 29 -14.17 -3.02 5.32
C SER A 29 -14.60 -1.72 4.55
C SER A 29 -14.57 -1.80 4.49
N PRO A 30 -13.59 -1.00 4.00
CA PRO A 30 -13.84 0.21 3.23
C PRO A 30 -14.45 -0.05 1.84
N VAL A 31 -15.04 1.00 1.29
CA VAL A 31 -15.55 0.95 -0.09
C VAL A 31 -14.48 1.47 -1.02
N ILE A 32 -14.22 0.76 -2.14
CA ILE A 32 -13.16 1.17 -3.06
C ILE A 32 -13.77 2.12 -4.10
N ASP A 33 -13.47 3.43 -3.96
CA ASP A 33 -14.05 4.46 -4.82
C ASP A 33 -13.17 5.72 -4.90
N GLY A 34 -12.01 5.73 -4.24
CA GLY A 34 -11.14 6.90 -4.18
C GLY A 34 -11.65 7.98 -3.20
N GLU A 35 -12.72 7.68 -2.45
CA GLU A 35 -13.27 8.63 -1.48
C GLU A 35 -12.88 8.16 -0.07
N VAL A 36 -12.75 9.08 0.90
CA VAL A 36 -12.28 8.71 2.23
C VAL A 36 -13.49 8.27 3.08
N ASP A 37 -13.75 6.97 3.16
CA ASP A 37 -14.78 6.45 4.06
C ASP A 37 -14.65 7.10 5.44
N ASP A 38 -15.79 7.39 6.08
CA ASP A 38 -15.87 7.71 7.49
C ASP A 38 -14.91 6.84 8.33
N ILE A 39 -14.97 5.52 8.14
CA ILE A 39 -14.18 4.58 8.97
C ILE A 39 -12.67 4.79 8.82
N TRP A 40 -12.21 5.36 7.69
CA TRP A 40 -10.79 5.62 7.58
C TRP A 40 -10.37 6.64 8.64
N ASN A 41 -11.29 7.51 9.05
CA ASN A 41 -10.95 8.61 9.97
C ASN A 41 -10.69 8.08 11.38
N ASN A 42 -11.04 6.83 11.64
CA ASN A 42 -10.78 6.19 12.93
C ASN A 42 -9.41 5.49 13.03
N VAL A 43 -8.55 5.71 12.05
CA VAL A 43 -7.31 4.96 11.90
C VAL A 43 -6.24 6.00 11.63
N GLU A 44 -4.99 5.70 12.01
CA GLU A 44 -3.90 6.68 11.99
C GLU A 44 -3.16 6.62 10.66
N TRP A 45 -2.67 7.79 10.23
CA TRP A 45 -1.80 7.94 9.08
C TRP A 45 -0.42 7.36 9.41
N ASN A 46 0.18 6.62 8.49
CA ASN A 46 1.59 6.26 8.60
C ASN A 46 2.32 7.17 7.63
N ILE A 47 3.43 7.75 8.08
CA ILE A 47 4.22 8.66 7.25
C ILE A 47 5.51 7.96 6.84
N PRO A 48 5.71 7.65 5.54
CA PRO A 48 7.01 7.11 5.12
C PRO A 48 8.01 8.26 5.12
N ARG A 49 9.19 8.02 5.70
CA ARG A 49 10.19 9.05 5.92
C ARG A 49 11.55 8.75 5.28
N ILE A 50 11.66 7.69 4.47
CA ILE A 50 12.94 7.33 3.86
C ILE A 50 12.98 7.86 2.43
N TYR A 51 13.64 9.00 2.26
CA TYR A 51 13.74 9.64 0.96
C TYR A 51 15.06 9.28 0.30
N SER A 52 15.03 8.80 -0.97
CA SER A 52 16.22 8.67 -1.78
C SER A 52 16.96 9.99 -1.98
N ALA A 53 16.23 11.12 -2.12
CA ALA A 53 16.79 12.44 -2.44
C ALA A 53 15.88 13.53 -1.89
N THR A 54 16.31 14.79 -1.85
CA THR A 54 15.37 15.82 -1.39
C THR A 54 14.34 16.05 -2.50
N THR A 55 13.11 16.43 -2.08
CA THR A 55 11.94 16.53 -2.95
C THR A 55 10.84 17.24 -2.17
N GLN A 56 9.97 17.97 -2.88
CA GLN A 56 8.79 18.56 -2.24
C GLN A 56 7.75 17.46 -1.97
N THR A 57 7.79 16.39 -2.77
CA THR A 57 6.83 15.29 -2.70
C THR A 57 6.88 14.61 -1.32
N ASN A 58 5.71 14.47 -0.69
CA ASN A 58 5.54 13.69 0.52
C ASN A 58 4.26 12.87 0.38
N ALA A 59 4.01 11.99 1.36
CA ALA A 59 2.95 10.99 1.27
C ALA A 59 2.58 10.51 2.68
N LYS A 60 1.40 9.88 2.78
CA LYS A 60 0.97 9.20 3.98
C LYS A 60 -0.02 8.11 3.58
N PHE A 61 -0.11 7.04 4.37
CA PHE A 61 -1.03 5.96 4.04
C PHE A 61 -1.63 5.38 5.30
N LYS A 62 -2.84 4.84 5.17
CA LYS A 62 -3.54 4.17 6.24
C LYS A 62 -3.79 2.73 5.78
N LEU A 63 -3.88 1.80 6.73
CA LEU A 63 -4.10 0.39 6.42
C LEU A 63 -5.33 -0.08 7.17
N MET A 64 -5.98 -1.11 6.62
CA MET A 64 -7.10 -1.71 7.33
C MET A 64 -7.22 -3.13 6.78
N TRP A 65 -7.76 -4.06 7.57
CA TRP A 65 -7.93 -5.44 7.09
C TRP A 65 -9.32 -5.94 7.40
N ASP A 66 -9.78 -6.88 6.58
CA ASP A 66 -11.01 -7.59 6.85
C ASP A 66 -10.77 -9.07 6.55
N ASP A 67 -11.85 -9.87 6.63
CA ASP A 67 -11.66 -11.31 6.57
C ASP A 67 -11.01 -11.75 5.27
N ASN A 68 -11.22 -10.96 4.19
CA ASN A 68 -10.87 -11.35 2.84
C ASN A 68 -9.69 -10.56 2.27
N ALA A 69 -9.25 -9.48 2.94
CA ALA A 69 -8.44 -8.50 2.21
C ALA A 69 -7.68 -7.57 3.14
N LEU A 70 -6.58 -7.05 2.57
CA LEU A 70 -5.88 -5.88 3.06
C LEU A 70 -6.24 -4.65 2.19
N TYR A 71 -6.34 -3.49 2.84
CA TYR A 71 -6.78 -2.23 2.26
C TYR A 71 -5.72 -1.18 2.51
N VAL A 72 -5.44 -0.40 1.45
CA VAL A 72 -4.49 0.70 1.62
C VAL A 72 -5.15 1.98 1.13
N LEU A 73 -4.99 3.06 1.90
CA LEU A 73 -5.41 4.39 1.47
C LEU A 73 -4.19 5.32 1.49
N ALA A 74 -3.76 5.77 0.31
CA ALA A 74 -2.55 6.56 0.26
C ALA A 74 -2.88 7.94 -0.35
N GLU A 75 -2.33 9.00 0.27
CA GLU A 75 -2.39 10.35 -0.30
C GLU A 75 -0.97 10.84 -0.60
N VAL A 76 -0.74 11.29 -1.83
CA VAL A 76 0.57 11.83 -2.18
C VAL A 76 0.42 13.33 -2.47
N TYR A 77 1.22 14.16 -1.79
CA TYR A 77 1.46 15.55 -2.16
C TYR A 77 2.62 15.61 -3.16
N ASP A 78 2.29 16.01 -4.39
CA ASP A 78 3.23 16.00 -5.48
C ASP A 78 2.72 17.00 -6.51
N PRO A 79 3.33 18.20 -6.61
CA PRO A 79 2.85 19.26 -7.50
C PRO A 79 2.95 19.04 -9.02
N VAL A 80 3.72 18.04 -9.46
CA VAL A 80 3.81 17.77 -10.88
C VAL A 80 3.60 16.26 -11.09
N LEU A 81 2.56 15.88 -11.82
CA LEU A 81 2.28 14.48 -12.05
C LEU A 81 2.72 14.10 -13.45
N ASN A 82 3.53 13.05 -13.55
CA ASN A 82 4.02 12.59 -14.84
C ASN A 82 3.89 11.07 -14.94
N SER A 83 3.40 10.60 -16.07
CA SER A 83 3.40 9.18 -16.39
C SER A 83 3.74 8.99 -17.87
N ALA A 84 4.66 9.81 -18.42
CA ALA A 84 4.93 9.67 -19.85
C ALA A 84 5.94 8.55 -20.14
N ASN A 85 6.82 8.23 -19.18
CA ASN A 85 7.78 7.15 -19.31
C ASN A 85 7.09 5.79 -19.34
N SER A 86 7.47 4.91 -20.27
CA SER A 86 6.80 3.61 -20.42
C SER A 86 7.23 2.61 -19.34
N THR A 87 8.30 2.93 -18.58
CA THR A 87 8.71 2.16 -17.43
C THR A 87 7.81 2.54 -16.23
N PRO A 88 7.01 1.55 -15.75
CA PRO A 88 6.01 1.80 -14.69
C PRO A 88 6.49 2.56 -13.45
N TYR A 89 7.70 2.25 -12.96
CA TYR A 89 8.19 2.85 -11.73
C TYR A 89 8.87 4.17 -12.04
N GLN A 90 8.88 4.55 -13.34
CA GLN A 90 9.37 5.88 -13.71
C GLN A 90 8.20 6.85 -13.92
N GLN A 91 7.00 6.45 -13.47
CA GLN A 91 5.81 7.27 -13.41
C GLN A 91 5.45 7.54 -11.94
N ASP A 92 4.83 8.68 -11.66
CA ASP A 92 4.35 8.94 -10.32
C ASP A 92 3.35 7.83 -9.96
N SER A 93 3.66 7.09 -8.88
CA SER A 93 3.01 5.83 -8.62
C SER A 93 3.29 5.47 -7.18
N VAL A 94 2.44 4.57 -6.66
CA VAL A 94 2.69 3.98 -5.35
C VAL A 94 2.83 2.46 -5.55
N GLU A 95 3.59 1.84 -4.65
CA GLU A 95 3.87 0.42 -4.74
C GLU A 95 3.57 -0.17 -3.37
N ILE A 96 2.96 -1.38 -3.37
CA ILE A 96 2.59 -2.08 -2.16
C ILE A 96 3.26 -3.45 -2.23
N PHE A 97 3.97 -3.82 -1.16
CA PHE A 97 4.65 -5.11 -1.10
C PHE A 97 4.10 -5.89 0.09
N LEU A 98 3.88 -7.20 -0.12
CA LEU A 98 3.29 -8.07 0.89
C LEU A 98 3.97 -9.45 0.89
N ASP A 99 4.44 -9.81 2.10
CA ASP A 99 4.93 -11.14 2.43
C ASP A 99 3.85 -11.76 3.32
N GLU A 100 2.92 -12.46 2.66
CA GLU A 100 1.67 -12.88 3.26
C GLU A 100 1.90 -13.96 4.33
N ASN A 101 2.77 -14.93 4.05
CA ASN A 101 3.06 -16.00 4.99
C ASN A 101 4.07 -15.57 6.04
N PHE A 102 4.70 -14.40 5.88
CA PHE A 102 5.71 -13.95 6.82
C PHE A 102 6.92 -14.89 6.87
N ASP A 103 7.32 -15.43 5.69
CA ASP A 103 8.55 -16.21 5.49
C ASP A 103 9.82 -15.39 5.73
N ARG A 104 9.84 -14.12 5.33
N ARG A 104 9.82 -14.12 5.31
CA ARG A 104 11.01 -13.26 5.46
CA ARG A 104 10.98 -13.23 5.42
C ARG A 104 12.20 -13.83 4.71
C ARG A 104 12.19 -13.84 4.71
N ALA A 105 11.94 -14.60 3.63
CA ALA A 105 12.95 -15.07 2.71
C ALA A 105 13.78 -13.90 2.14
N ILE A 106 14.92 -14.23 1.52
CA ILE A 106 15.82 -13.19 1.02
C ILE A 106 15.56 -12.97 -0.47
N SER A 107 14.71 -13.82 -1.05
CA SER A 107 14.31 -13.67 -2.43
C SER A 107 12.82 -14.03 -2.53
N TYR A 108 12.16 -13.74 -3.66
CA TYR A 108 10.71 -13.73 -3.70
C TYR A 108 10.18 -15.16 -3.76
N GLN A 109 9.29 -15.52 -2.81
CA GLN A 109 8.57 -16.78 -2.90
C GLN A 109 7.27 -16.57 -3.67
N SER A 110 6.49 -17.63 -3.82
CA SER A 110 5.32 -17.57 -4.68
C SER A 110 4.11 -16.96 -3.96
N ASP A 111 4.18 -16.75 -2.65
CA ASP A 111 3.19 -15.97 -1.92
C ASP A 111 3.58 -14.48 -1.78
N ASP A 112 4.75 -14.06 -2.32
CA ASP A 112 5.17 -12.67 -2.16
C ASP A 112 4.47 -11.79 -3.21
N LEU A 113 4.09 -10.57 -2.82
CA LEU A 113 3.37 -9.70 -3.75
C LEU A 113 4.10 -8.38 -3.88
N HIS A 114 4.09 -7.86 -5.11
CA HIS A 114 4.63 -6.52 -5.41
C HIS A 114 3.78 -5.85 -6.49
N TYR A 115 2.98 -4.88 -6.04
CA TYR A 115 1.96 -4.25 -6.89
C TYR A 115 2.26 -2.76 -6.98
N ARG A 116 1.81 -2.15 -8.09
CA ARG A 116 2.03 -0.73 -8.35
C ARG A 116 0.79 -0.17 -9.03
N VAL A 117 0.40 1.08 -8.70
CA VAL A 117 -0.67 1.79 -9.36
C VAL A 117 -0.23 3.26 -9.50
N ASN A 118 -0.44 3.87 -10.69
CA ASN A 118 -0.08 5.26 -10.89
C ASN A 118 -1.30 6.16 -10.58
N TYR A 119 -1.10 7.48 -10.68
CA TYR A 119 -2.11 8.46 -10.29
C TYR A 119 -3.31 8.37 -11.24
N ASN A 120 -3.15 7.80 -12.47
CA ASN A 120 -4.28 7.54 -13.38
C ASN A 120 -4.87 6.14 -13.21
N ASN A 121 -4.49 5.44 -12.14
CA ASN A 121 -5.06 4.17 -11.78
C ASN A 121 -4.58 3.03 -12.67
N PHE A 122 -3.48 3.27 -13.40
CA PHE A 122 -2.87 2.23 -14.21
C PHE A 122 -2.09 1.30 -13.27
N LYS A 123 -2.44 0.02 -13.30
CA LYS A 123 -1.92 -0.98 -12.38
C LYS A 123 -0.86 -1.87 -13.05
N THR A 124 0.20 -2.23 -12.31
CA THR A 124 1.14 -3.24 -12.77
C THR A 124 1.47 -4.19 -11.62
N THR A 125 1.76 -5.46 -11.97
CA THR A 125 2.32 -6.39 -11.00
C THR A 125 3.78 -6.73 -11.33
N ASP A 126 4.64 -6.69 -10.31
CA ASP A 126 5.99 -7.24 -10.46
C ASP A 126 6.08 -8.66 -9.85
N ALA A 127 5.09 -9.07 -9.05
CA ALA A 127 5.06 -10.35 -8.35
C ALA A 127 3.65 -10.48 -7.78
N GLY A 128 2.96 -11.53 -8.23
CA GLY A 128 1.67 -11.94 -7.71
C GLY A 128 0.58 -11.77 -8.76
N ASP A 129 -0.55 -12.42 -8.54
CA ASP A 129 -1.67 -12.36 -9.46
C ASP A 129 -2.32 -10.97 -9.36
N ILE A 130 -2.45 -10.23 -10.48
CA ILE A 130 -2.97 -8.86 -10.46
C ILE A 130 -4.50 -8.90 -10.29
N LEU A 131 -5.11 -10.07 -10.50
CA LEU A 131 -6.53 -10.28 -10.25
C LEU A 131 -6.88 -10.08 -8.78
N ARG A 132 -5.89 -10.14 -7.90
CA ARG A 132 -6.12 -9.89 -6.48
C ARG A 132 -6.17 -8.38 -6.13
N PHE A 133 -5.76 -7.52 -7.08
CA PHE A 133 -5.47 -6.10 -6.84
C PHE A 133 -6.61 -5.27 -7.45
N TYR A 134 -7.28 -4.49 -6.60
CA TYR A 134 -8.39 -3.67 -7.08
C TYR A 134 -8.18 -2.25 -6.56
N THR A 135 -8.18 -1.24 -7.47
CA THR A 135 -7.76 0.10 -7.06
C THR A 135 -8.68 1.15 -7.69
N LYS A 136 -8.74 2.30 -7.01
CA LYS A 136 -9.26 3.53 -7.59
C LYS A 136 -8.30 4.67 -7.20
N THR A 137 -8.23 5.72 -8.03
CA THR A 137 -7.48 6.93 -7.69
C THR A 137 -8.37 8.15 -7.83
N LYS A 138 -7.89 9.28 -7.30
CA LYS A 138 -8.55 10.56 -7.46
C LYS A 138 -7.46 11.64 -7.51
N LEU A 139 -7.55 12.51 -8.51
CA LEU A 139 -6.74 13.73 -8.54
C LEU A 139 -7.21 14.70 -7.47
N LEU A 140 -6.24 15.19 -6.71
CA LEU A 140 -6.48 16.20 -5.70
C LEU A 140 -5.75 17.47 -6.16
N PRO A 141 -6.12 18.66 -5.65
CA PRO A 141 -5.26 19.85 -5.77
C PRO A 141 -3.91 19.46 -5.15
N ASP A 142 -2.83 19.58 -5.92
CA ASP A 142 -1.51 19.31 -5.37
C ASP A 142 -1.19 17.81 -5.20
N GLY A 143 -1.99 16.88 -5.76
CA GLY A 143 -1.55 15.50 -5.67
C GLY A 143 -2.63 14.50 -6.05
N TYR A 144 -2.65 13.36 -5.34
CA TYR A 144 -3.53 12.27 -5.74
C TYR A 144 -3.70 11.35 -4.55
N ARG A 145 -4.79 10.57 -4.61
CA ARG A 145 -5.15 9.58 -3.63
C ARG A 145 -5.27 8.24 -4.34
N VAL A 146 -4.80 7.19 -3.68
CA VAL A 146 -4.94 5.82 -4.15
C VAL A 146 -5.72 5.13 -3.07
N GLU A 147 -6.70 4.31 -3.49
CA GLU A 147 -7.39 3.46 -2.55
C GLU A 147 -7.38 2.06 -3.12
N ALA A 148 -6.86 1.08 -2.37
CA ALA A 148 -6.44 -0.20 -2.92
C ALA A 148 -6.91 -1.35 -2.03
N ARG A 149 -7.38 -2.43 -2.66
CA ARG A 149 -7.70 -3.68 -1.97
C ARG A 149 -6.80 -4.80 -2.51
N ILE A 150 -6.22 -5.59 -1.59
CA ILE A 150 -5.49 -6.81 -1.97
C ILE A 150 -6.20 -8.03 -1.36
N ALA A 151 -6.78 -8.87 -2.21
CA ALA A 151 -7.41 -10.10 -1.72
C ALA A 151 -6.34 -11.01 -1.09
N LEU A 152 -6.51 -11.36 0.18
CA LEU A 152 -5.64 -12.27 0.93
C LEU A 152 -6.03 -13.74 0.65
N SER A 153 -5.06 -14.66 0.70
CA SER A 153 -5.35 -16.07 0.41
C SER A 153 -5.30 -16.88 1.69
N LYS A 154 -4.43 -16.47 2.62
CA LYS A 154 -4.46 -17.00 3.96
C LYS A 154 -5.54 -16.22 4.73
N LYS A 155 -6.47 -16.93 5.39
CA LYS A 155 -7.52 -16.30 6.18
C LYS A 155 -6.86 -15.57 7.36
N PRO A 156 -6.86 -14.22 7.43
CA PRO A 156 -6.19 -13.54 8.54
C PRO A 156 -7.06 -13.58 9.79
N ILE A 157 -6.41 -13.54 10.96
CA ILE A 157 -7.07 -13.54 12.25
C ILE A 157 -6.38 -12.48 13.11
N ASN A 158 -6.95 -12.10 14.26
CA ASN A 158 -6.23 -11.20 15.15
C ASN A 158 -4.89 -11.84 15.48
N GLY A 159 -3.80 -11.08 15.34
CA GLY A 159 -2.49 -11.58 15.67
C GLY A 159 -1.67 -12.01 14.45
N THR A 160 -2.31 -12.29 13.31
CA THR A 160 -1.59 -12.43 12.04
C THR A 160 -0.53 -11.34 11.89
N ILE A 161 0.69 -11.77 11.53
CA ILE A 161 1.76 -10.85 11.14
C ILE A 161 2.08 -11.12 9.68
N MET A 162 2.19 -10.04 8.89
CA MET A 162 2.65 -10.14 7.51
C MET A 162 3.81 -9.17 7.33
N GLY A 163 4.69 -9.48 6.36
CA GLY A 163 5.66 -8.46 5.96
C GLY A 163 5.01 -7.51 4.95
N PHE A 164 5.33 -6.22 5.08
CA PHE A 164 4.72 -5.22 4.23
C PHE A 164 5.75 -4.15 3.91
N GLU A 165 5.73 -3.63 2.67
CA GLU A 165 6.39 -2.36 2.39
C GLU A 165 5.43 -1.47 1.57
N PHE A 166 5.63 -0.14 1.68
CA PHE A 166 5.01 0.91 0.88
C PHE A 166 6.08 1.81 0.26
N GLN A 167 5.94 2.12 -1.03
CA GLN A 167 6.86 3.01 -1.73
C GLN A 167 6.11 4.00 -2.62
N VAL A 168 6.62 5.24 -2.69
CA VAL A 168 6.19 6.21 -3.67
C VAL A 168 7.31 6.43 -4.68
N ASN A 169 6.98 6.36 -5.98
CA ASN A 169 7.87 6.81 -7.03
C ASN A 169 7.51 8.28 -7.38
N GLU A 170 8.47 9.19 -7.27
CA GLU A 170 8.30 10.57 -7.68
C GLU A 170 8.96 10.81 -9.05
N ALA A 171 8.14 11.16 -10.06
CA ALA A 171 8.64 11.55 -11.38
C ALA A 171 8.50 13.06 -11.61
N ASP A 172 9.31 13.63 -12.50
CA ASP A 172 9.28 15.08 -12.77
C ASP A 172 8.90 15.32 -14.24
N SER A 173 8.98 16.57 -14.70
CA SER A 173 8.46 16.89 -16.02
C SER A 173 9.34 16.36 -17.13
N SER A 174 10.56 15.88 -16.80
CA SER A 174 11.40 15.17 -17.75
C SER A 174 10.96 13.71 -17.97
N ALA A 175 9.86 13.24 -17.35
CA ALA A 175 9.31 11.90 -17.61
C ALA A 175 10.23 10.78 -17.07
N ARG A 176 10.77 10.98 -15.87
CA ARG A 176 11.75 10.09 -15.29
C ARG A 176 11.60 10.16 -13.77
N ARG A 177 11.75 9.00 -13.11
CA ARG A 177 11.75 8.97 -11.66
C ARG A 177 12.99 9.72 -11.17
N VAL A 178 12.79 10.56 -10.15
CA VAL A 178 13.76 11.49 -9.67
C VAL A 178 13.94 11.24 -8.17
N ALA A 179 12.98 10.54 -7.53
CA ALA A 179 13.06 10.22 -6.10
C ALA A 179 12.15 9.04 -5.75
N THR A 180 12.44 8.39 -4.60
CA THR A 180 11.56 7.40 -4.00
C THR A 180 11.36 7.76 -2.55
N ILE A 181 10.19 7.38 -2.01
CA ILE A 181 9.90 7.47 -0.59
C ILE A 181 9.48 6.07 -0.15
N ASN A 182 10.11 5.58 0.94
CA ASN A 182 9.83 4.25 1.48
C ASN A 182 9.40 4.33 2.94
N MET A 183 8.62 3.33 3.37
CA MET A 183 8.18 3.28 4.76
C MET A 183 9.29 2.64 5.62
N PHE A 184 9.84 1.52 5.12
CA PHE A 184 10.65 0.58 5.90
C PHE A 184 12.06 0.32 5.32
N ASP A 185 12.17 0.09 4.01
CA ASP A 185 13.43 -0.29 3.40
C ASP A 185 14.21 0.93 2.91
N ASN A 186 15.47 1.05 3.33
CA ASN A 186 16.24 2.21 2.91
C ASN A 186 17.33 1.84 1.93
N THR A 187 17.21 0.71 1.22
CA THR A 187 18.37 0.17 0.54
C THR A 187 18.10 -0.11 -0.93
N GLY A 188 16.89 0.20 -1.40
CA GLY A 188 16.57 0.02 -2.81
C GLY A 188 16.27 -1.43 -3.16
N ASN A 189 16.08 -2.31 -2.15
CA ASN A 189 16.11 -3.73 -2.51
C ASN A 189 14.82 -4.51 -2.27
N ALA A 190 13.77 -3.84 -1.74
CA ALA A 190 12.51 -4.47 -1.40
C ALA A 190 11.95 -5.22 -2.59
N TRP A 191 12.23 -4.72 -3.81
CA TRP A 191 11.71 -5.37 -4.99
C TRP A 191 12.31 -6.74 -5.22
N GLN A 192 13.41 -7.03 -4.50
CA GLN A 192 14.20 -8.25 -4.70
C GLN A 192 14.22 -9.10 -3.45
N ASN A 193 13.93 -8.49 -2.30
CA ASN A 193 14.28 -9.10 -1.04
C ASN A 193 13.20 -8.85 0.02
N PRO A 194 12.27 -9.81 0.23
CA PRO A 194 11.21 -9.69 1.23
C PRO A 194 11.66 -9.54 2.67
N SER A 195 12.86 -10.04 2.99
CA SER A 195 13.36 -9.91 4.35
C SER A 195 13.52 -8.43 4.71
N LEU A 196 13.43 -7.57 3.69
CA LEU A 196 13.67 -6.15 3.87
C LEU A 196 12.38 -5.43 4.26
N PHE A 197 11.21 -6.06 3.98
CA PHE A 197 9.93 -5.49 4.34
C PHE A 197 9.85 -5.25 5.84
N GLY A 198 9.01 -4.31 6.29
CA GLY A 198 8.64 -4.18 7.68
C GLY A 198 7.49 -5.13 7.99
N GLU A 199 6.78 -4.82 9.08
CA GLU A 199 5.80 -5.75 9.61
C GLU A 199 4.46 -5.05 9.82
N ILE A 200 3.38 -5.76 9.50
CA ILE A 200 2.04 -5.36 9.92
C ILE A 200 1.49 -6.46 10.82
N LYS A 201 0.86 -6.05 11.93
CA LYS A 201 0.14 -7.01 12.76
C LYS A 201 -1.35 -6.63 12.77
N LEU A 202 -2.21 -7.60 12.44
CA LEU A 202 -3.66 -7.42 12.36
C LEU A 202 -4.31 -7.57 13.74
N LYS A 203 -5.16 -6.61 14.12
CA LYS A 203 -5.85 -6.57 15.41
C LYS A 203 -7.32 -6.10 15.21
N GLY A 204 -8.16 -6.33 16.24
CA GLY A 204 -9.37 -5.54 16.45
C GLY A 204 -10.67 -6.17 15.94
N ARG A 205 -10.63 -7.40 15.43
CA ARG A 205 -11.81 -8.06 14.93
C ARG A 205 -12.54 -8.70 16.12
N SER A 206 -13.86 -8.46 16.23
CA SER A 206 -14.64 -8.99 17.35
C SER A 206 -14.76 -10.52 17.24
N ASP A 207 -14.86 -11.18 18.41
CA ASP A 207 -14.87 -12.63 18.44
C ASP A 207 -16.29 -13.19 18.26
N ASN A 208 -17.33 -12.33 18.32
CA ASN A 208 -18.70 -12.83 18.38
C ASN A 208 -19.49 -12.50 17.10
N ALA A 209 -18.86 -11.74 16.18
CA ALA A 209 -19.48 -11.15 14.99
C ALA A 209 -20.38 -9.94 15.36
N VAL A 210 -21.63 -9.92 14.84
CA VAL A 210 -22.71 -9.07 15.37
C VAL A 210 -23.82 -9.96 15.92
N VAL A 211 -24.94 -9.33 16.37
CA VAL A 211 -26.10 -10.09 16.82
C VAL A 211 -27.39 -9.66 16.08
N PRO A 212 -28.18 -8.64 16.53
CA PRO A 212 -29.33 -8.19 15.74
C PRO A 212 -29.43 -6.74 15.20
N ILE A 213 -28.30 -6.02 15.06
CA ILE A 213 -28.28 -4.52 15.05
C ILE A 213 -29.71 -3.99 15.04
N ASN A 214 -30.20 -3.69 16.24
CA ASN A 214 -31.51 -3.17 16.54
C ASN A 214 -31.78 -1.92 15.69
N PRO A 215 -33.05 -1.70 15.24
CA PRO A 215 -33.45 -0.42 14.64
C PRO A 215 -33.46 0.70 15.70
C2 BGC B . 12.28 -0.43 -7.70
C3 BGC B . 12.86 -0.43 -9.10
C4 BGC B . 12.71 -1.87 -9.61
C5 BGC B . 11.23 -2.25 -9.68
C6 BGC B . 11.00 -3.73 -9.94
C1 BGC B . 10.82 -0.79 -7.74
O1 BGC B . 10.49 -1.16 -6.40
O2 BGC B . 12.41 0.83 -7.05
O3 BGC B . 14.24 -0.07 -8.99
O4 BGC B . 13.31 -2.05 -10.89
O5 BGC B . 10.65 -2.02 -8.40
O6 BGC B . 10.76 -3.77 -11.34
C2 BGC B . 14.44 -3.31 -12.45
C3 BGC B . 15.76 -4.07 -12.56
C4 BGC B . 16.90 -3.08 -12.24
C5 BGC B . 16.71 -2.29 -10.95
C6 BGC B . 17.63 -1.06 -10.84
C1 BGC B . 14.34 -2.87 -11.01
O2 BGC B . 13.22 -3.96 -12.83
O3 BGC B . 15.88 -4.57 -13.89
O4 BGC B . 18.15 -3.73 -12.01
O5 BGC B . 15.33 -1.88 -10.83
O6 BGC B . 18.04 -0.81 -9.47
CA CA C . -13.48 4.73 -0.15
CA CA D . 5.83 14.07 -9.64
CA CA E . 6.52 -14.78 1.87
C1 PEG F . 9.27 -12.23 -9.48
O1 PEG F . 8.98 -13.48 -8.91
C2 PEG F . 9.60 -11.20 -8.42
O2 PEG F . 11.00 -11.12 -8.16
C3 PEG F . 11.74 -10.52 -9.23
C4 PEG F . 13.17 -10.29 -8.81
O4 PEG F . 14.09 -10.63 -9.84
C1 PEG G . 19.78 -1.81 -6.72
O1 PEG G . 19.13 -2.92 -7.30
C2 PEG G . 20.25 -2.08 -5.32
O2 PEG G . 20.93 -0.95 -4.79
C3 PEG G . 20.09 0.20 -4.66
C4 PEG G . 20.90 1.43 -4.39
O4 PEG G . 20.44 2.53 -5.13
C1 EDO H . -17.89 9.17 2.11
O1 EDO H . -17.52 10.37 2.76
C2 EDO H . -17.67 9.20 0.65
O2 EDO H . -18.73 8.61 -0.07
C1 EDO I . -10.53 -16.42 1.72
O1 EDO I . -9.90 -15.47 2.54
C2 EDO I . -9.60 -17.38 1.05
O2 EDO I . -9.55 -18.67 1.63
C1 EDO J . 5.92 -14.49 -7.23
O1 EDO J . 5.90 -13.85 -5.95
C2 EDO J . 4.63 -15.04 -7.76
O2 EDO J . 4.30 -14.45 -9.02
#